data_7K7O
#
_entry.id   7K7O
#
_cell.length_a   71.060
_cell.length_b   66.620
_cell.length_c   74.970
_cell.angle_alpha   90.00
_cell.angle_beta   112.94
_cell.angle_gamma   90.00
#
_symmetry.space_group_name_H-M   'P 1 21 1'
#
loop_
_entity.id
_entity.type
_entity.pdbx_description
1 polymer 'Non-receptor tyrosine-protein kinase TYK2'
2 non-polymer 6-[(cyclopropanecarbonyl)amino]-4-{[2-methoxy-3-(pyrimidin-2-yl)phenyl]amino}-N-methylpyridazine-3-carboxamide
3 water water
#
_entity_poly.entity_id   1
_entity_poly.type   'polypeptide(L)'
_entity_poly.pdbx_seq_one_letter_code
;MGSSHHHHHHSSGETVRFQGHMNLSQLSFHRVDQKEITQLSHLGQGTRTNVYEGRLRVEGSGDPEEGKMDDEDPLVPGRD
RGQELRVVLKVLDPSHHDIALAFYETASLMSQVSHTHLAFVHGVCVRGPENIMVTEYVEHGPLDVWLRRERGHVPMAWKM
VVAQQLASALSYLENKNLVHGNVCGRNILLARLGLAEGTSPFIKLSDPGVGLGALSREERVERIPWLAPECLPGGANSLS
TAMDKWGFGATLLEICFDGEAPLQSRSPSEKEHFYQRQHRLPEPSCPQLATLTSQCLTYEPTQRPSFRTILRDLTRL
;
_entity_poly.pdbx_strand_id   A,B
#
# COMPACT_ATOMS: atom_id res chain seq x y z
N SER A 28 -14.14 -8.24 28.86
CA SER A 28 -13.04 -9.17 28.60
C SER A 28 -12.52 -9.14 27.14
N PHE A 29 -11.30 -9.69 26.96
CA PHE A 29 -10.46 -9.80 25.77
C PHE A 29 -9.97 -11.23 25.62
N HIS A 30 -9.45 -11.58 24.43
CA HIS A 30 -8.92 -12.91 24.15
C HIS A 30 -7.52 -13.10 24.76
N ARG A 31 -7.25 -14.27 25.37
CA ARG A 31 -5.93 -14.48 25.97
C ARG A 31 -4.99 -15.19 25.01
N VAL A 32 -3.73 -14.73 24.98
CA VAL A 32 -2.69 -15.18 24.06
C VAL A 32 -1.55 -15.78 24.87
N ASP A 33 -1.17 -17.04 24.57
CA ASP A 33 -0.04 -17.71 25.23
C ASP A 33 1.25 -17.17 24.60
N GLN A 34 2.30 -16.94 25.42
CA GLN A 34 3.60 -16.43 24.92
C GLN A 34 4.18 -17.26 23.78
N LYS A 35 3.80 -18.56 23.67
CA LYS A 35 4.23 -19.48 22.63
C LYS A 35 3.57 -19.23 21.24
N GLU A 36 2.56 -18.36 21.19
CA GLU A 36 1.87 -18.01 19.93
C GLU A 36 2.49 -16.72 19.32
N ILE A 37 3.19 -15.92 20.15
CA ILE A 37 3.73 -14.65 19.68
C ILE A 37 5.26 -14.58 19.61
N THR A 38 5.74 -14.13 18.44
CA THR A 38 7.14 -13.90 18.06
C THR A 38 7.33 -12.38 17.96
N GLN A 39 8.40 -11.84 18.58
CA GLN A 39 8.75 -10.41 18.56
C GLN A 39 9.74 -10.19 17.42
N LEU A 40 9.63 -9.05 16.73
CA LEU A 40 10.51 -8.72 15.63
C LEU A 40 10.93 -7.25 15.76
N SER A 41 10.91 -6.47 14.65
CA SER A 41 11.35 -5.06 14.57
C SER A 41 10.64 -4.11 15.52
N HIS A 42 11.41 -3.31 16.28
CA HIS A 42 10.85 -2.28 17.15
C HIS A 42 10.33 -1.21 16.18
N LEU A 43 9.08 -0.75 16.37
CA LEU A 43 8.46 0.23 15.49
C LEU A 43 8.36 1.57 16.18
N GLY A 44 8.10 1.56 17.49
CA GLY A 44 7.98 2.80 18.25
C GLY A 44 7.81 2.66 19.75
N GLN A 45 7.46 3.78 20.41
CA GLN A 45 7.25 3.83 21.86
C GLN A 45 5.99 4.60 22.16
N GLY A 46 5.03 3.91 22.78
CA GLY A 46 3.78 4.51 23.21
C GLY A 46 3.88 5.01 24.62
N THR A 47 2.72 5.43 25.22
CA THR A 47 2.69 5.88 26.61
C THR A 47 2.72 4.64 27.43
N ARG A 48 3.87 4.42 28.13
CA ARG A 48 4.21 3.28 28.99
C ARG A 48 4.41 1.97 28.21
N THR A 49 4.52 2.04 26.86
CA THR A 49 4.72 0.87 26.00
C THR A 49 5.85 1.05 24.98
N ASN A 50 6.24 -0.08 24.34
CA ASN A 50 7.20 -0.19 23.24
C ASN A 50 6.52 -1.03 22.18
N VAL A 51 6.38 -0.45 21.00
CA VAL A 51 5.72 -1.03 19.84
C VAL A 51 6.71 -1.85 19.02
N TYR A 52 6.33 -3.09 18.72
CA TYR A 52 7.15 -4.02 17.95
C TYR A 52 6.31 -4.61 16.86
N GLU A 53 6.98 -5.13 15.83
CA GLU A 53 6.32 -5.88 14.78
C GLU A 53 6.42 -7.31 15.31
N GLY A 54 5.45 -8.15 14.98
CA GLY A 54 5.53 -9.52 15.45
C GLY A 54 4.72 -10.50 14.66
N ARG A 55 4.78 -11.79 15.07
CA ARG A 55 3.99 -12.83 14.42
C ARG A 55 3.09 -13.54 15.42
N LEU A 56 1.90 -13.92 14.96
CA LEU A 56 0.90 -14.63 15.73
C LEU A 56 0.70 -15.99 15.05
N ARG A 57 0.96 -17.10 15.80
CA ARG A 57 0.84 -18.49 15.32
C ARG A 57 -0.57 -19.01 15.55
N GLU A 84 1.85 -18.42 10.52
CA GLU A 84 2.29 -17.28 11.31
C GLU A 84 1.86 -15.91 10.69
N LEU A 85 0.72 -15.36 11.18
CA LEU A 85 0.13 -14.07 10.79
C LEU A 85 0.94 -12.86 11.32
N ARG A 86 0.96 -11.74 10.58
CA ARG A 86 1.72 -10.56 10.96
C ARG A 86 0.88 -9.64 11.81
N VAL A 87 1.41 -9.35 12.97
CA VAL A 87 0.74 -8.53 13.96
C VAL A 87 1.68 -7.41 14.39
N VAL A 88 1.21 -6.60 15.36
CA VAL A 88 1.97 -5.55 16.01
C VAL A 88 1.83 -5.94 17.48
N LEU A 89 2.92 -5.86 18.24
CA LEU A 89 2.91 -6.18 19.65
C LEU A 89 3.15 -4.88 20.45
N LYS A 90 2.22 -4.53 21.33
CA LYS A 90 2.33 -3.37 22.21
C LYS A 90 2.72 -3.89 23.61
N VAL A 91 4.03 -3.88 23.87
CA VAL A 91 4.60 -4.38 25.12
C VAL A 91 4.66 -3.32 26.23
N LEU A 92 3.71 -3.44 27.20
CA LEU A 92 3.59 -2.57 28.36
C LEU A 92 4.81 -2.75 29.25
N ASP A 93 5.41 -1.63 29.69
CA ASP A 93 6.60 -1.57 30.55
C ASP A 93 6.29 -2.19 31.91
N PRO A 94 7.29 -2.48 32.81
CA PRO A 94 6.94 -3.03 34.14
C PRO A 94 6.03 -2.03 34.85
N SER A 95 4.83 -2.47 35.34
CA SER A 95 3.82 -1.56 35.89
C SER A 95 3.05 -2.02 37.10
N HIS A 96 2.36 -1.06 37.76
CA HIS A 96 1.46 -1.31 38.87
C HIS A 96 0.24 -1.99 38.24
N HIS A 97 -0.59 -2.65 39.06
CA HIS A 97 -1.79 -3.31 38.60
C HIS A 97 -2.78 -2.28 38.00
N ASP A 98 -2.68 -0.99 38.46
CA ASP A 98 -3.51 0.15 38.00
C ASP A 98 -3.38 0.28 36.50
N ILE A 99 -2.12 0.31 36.01
CA ILE A 99 -1.76 0.50 34.62
C ILE A 99 -2.11 -0.76 33.78
N ALA A 100 -1.85 -1.97 34.35
CA ALA A 100 -2.18 -3.23 33.71
C ALA A 100 -3.68 -3.32 33.43
N LEU A 101 -4.52 -2.88 34.41
CA LEU A 101 -6.00 -2.84 34.33
C LEU A 101 -6.50 -1.82 33.30
N ALA A 102 -5.77 -0.68 33.18
CA ALA A 102 -6.04 0.39 32.22
C ALA A 102 -5.75 -0.11 30.80
N PHE A 103 -4.71 -0.95 30.65
CA PHE A 103 -4.28 -1.60 29.42
C PHE A 103 -5.33 -2.61 29.03
N TYR A 104 -5.90 -3.35 30.02
CA TYR A 104 -6.95 -4.34 29.80
C TYR A 104 -8.26 -3.69 29.33
N GLU A 105 -8.64 -2.55 29.92
CA GLU A 105 -9.85 -1.82 29.50
C GLU A 105 -9.79 -1.41 28.03
N THR A 106 -8.59 -1.04 27.55
CA THR A 106 -8.33 -0.62 26.18
C THR A 106 -8.46 -1.81 25.23
N ALA A 107 -7.88 -2.96 25.63
CA ALA A 107 -7.97 -4.20 24.87
C ALA A 107 -9.44 -4.58 24.79
N SER A 108 -10.16 -4.53 25.95
CA SER A 108 -11.56 -4.86 26.08
C SER A 108 -12.44 -3.97 25.22
N LEU A 109 -12.23 -2.62 25.26
CA LEU A 109 -13.01 -1.68 24.45
C LEU A 109 -12.90 -2.06 22.99
N MET A 110 -11.66 -2.34 22.55
CA MET A 110 -11.33 -2.69 21.17
C MET A 110 -11.75 -4.11 20.77
N SER A 111 -11.71 -5.07 21.71
CA SER A 111 -12.12 -6.47 21.53
C SER A 111 -13.64 -6.58 21.25
N GLN A 112 -14.46 -5.80 21.97
CA GLN A 112 -15.92 -5.80 21.85
C GLN A 112 -16.47 -4.74 20.84
N VAL A 113 -15.64 -4.36 19.86
CA VAL A 113 -16.07 -3.45 18.79
C VAL A 113 -15.70 -4.04 17.43
N SER A 114 -16.40 -3.54 16.41
CA SER A 114 -16.19 -3.94 15.03
C SER A 114 -16.62 -2.85 14.12
N HIS A 115 -15.64 -2.20 13.51
CA HIS A 115 -15.87 -1.14 12.54
C HIS A 115 -14.76 -1.25 11.53
N THR A 116 -15.07 -0.90 10.27
CA THR A 116 -14.18 -0.99 9.13
C THR A 116 -12.99 -0.03 9.32
N HIS A 117 -13.16 1.08 10.04
CA HIS A 117 -12.09 2.02 10.28
C HIS A 117 -11.51 2.00 11.74
N LEU A 118 -11.46 0.82 12.38
CA LEU A 118 -10.83 0.67 13.69
C LEU A 118 -9.95 -0.54 13.60
N ALA A 119 -8.72 -0.43 14.11
CA ALA A 119 -7.78 -1.55 14.12
C ALA A 119 -8.37 -2.65 15.01
N PHE A 120 -8.04 -3.87 14.67
CA PHE A 120 -8.52 -5.06 15.34
C PHE A 120 -7.58 -5.41 16.49
N VAL A 121 -8.12 -6.00 17.59
CA VAL A 121 -7.29 -6.50 18.69
C VAL A 121 -7.43 -8.02 18.75
N HIS A 122 -6.31 -8.75 18.63
CA HIS A 122 -6.21 -10.22 18.69
C HIS A 122 -6.29 -10.74 20.11
N GLY A 123 -6.10 -9.84 21.07
CA GLY A 123 -6.13 -10.16 22.50
C GLY A 123 -4.94 -9.57 23.24
N VAL A 124 -4.65 -10.14 24.42
CA VAL A 124 -3.58 -9.72 25.35
C VAL A 124 -2.91 -10.98 25.88
N CYS A 125 -1.59 -10.91 26.05
CA CYS A 125 -0.76 -11.97 26.59
C CYS A 125 -0.30 -11.52 27.96
N VAL A 126 -0.72 -12.23 29.00
CA VAL A 126 -0.36 -11.88 30.37
C VAL A 126 0.51 -12.95 31.03
N ARG A 127 1.80 -12.63 31.23
CA ARG A 127 2.71 -13.59 31.83
C ARG A 127 3.14 -13.14 33.23
N GLY A 128 4.41 -13.30 33.59
CA GLY A 128 4.88 -12.88 34.92
C GLY A 128 4.78 -11.36 35.04
N PRO A 129 5.82 -10.63 34.63
CA PRO A 129 5.73 -9.16 34.70
C PRO A 129 5.35 -8.56 33.34
N GLU A 130 4.95 -9.40 32.36
CA GLU A 130 4.71 -8.98 30.99
C GLU A 130 3.25 -8.94 30.54
N ASN A 131 2.86 -7.82 29.89
CA ASN A 131 1.54 -7.59 29.27
C ASN A 131 1.78 -7.14 27.84
N ILE A 132 1.27 -7.91 26.86
CA ILE A 132 1.49 -7.61 25.44
C ILE A 132 0.15 -7.61 24.73
N MET A 133 -0.22 -6.45 24.17
CA MET A 133 -1.46 -6.36 23.42
C MET A 133 -1.12 -6.76 22.00
N VAL A 134 -1.81 -7.77 21.48
CA VAL A 134 -1.58 -8.27 20.13
C VAL A 134 -2.62 -7.66 19.25
N THR A 135 -2.16 -6.80 18.36
CA THR A 135 -3.00 -5.99 17.51
C THR A 135 -2.69 -6.18 16.00
N GLU A 136 -3.59 -5.63 15.14
CA GLU A 136 -3.50 -5.59 13.68
C GLU A 136 -2.26 -4.80 13.23
N TYR A 137 -1.51 -5.33 12.24
CA TYR A 137 -0.38 -4.65 11.60
C TYR A 137 -1.03 -3.94 10.44
N VAL A 138 -0.84 -2.61 10.35
CA VAL A 138 -1.42 -1.79 9.30
C VAL A 138 -0.26 -1.29 8.42
N GLU A 139 -0.19 -1.84 7.19
CA GLU A 139 0.78 -1.69 6.09
C GLU A 139 1.67 -0.44 6.11
N HIS A 140 1.10 0.76 5.92
CA HIS A 140 1.83 2.03 5.76
C HIS A 140 2.07 2.85 7.01
N GLY A 141 1.63 2.35 8.16
CA GLY A 141 1.88 2.98 9.45
C GLY A 141 1.16 4.26 9.75
N PRO A 142 1.54 4.90 10.92
CA PRO A 142 0.87 6.13 11.40
C PRO A 142 0.88 7.33 10.46
N LEU A 143 -0.34 7.89 10.21
CA LEU A 143 -0.63 9.03 9.32
C LEU A 143 0.20 10.29 9.53
N ASP A 144 0.53 10.65 10.78
CA ASP A 144 1.28 11.87 11.09
C ASP A 144 2.66 11.86 10.42
N VAL A 145 3.31 10.68 10.49
CA VAL A 145 4.61 10.40 9.90
C VAL A 145 4.51 10.53 8.40
N TRP A 146 3.43 9.98 7.81
CA TRP A 146 3.16 10.08 6.38
C TRP A 146 2.95 11.54 5.96
N LEU A 147 2.09 12.28 6.68
CA LEU A 147 1.79 13.68 6.38
C LEU A 147 3.00 14.59 6.44
N ARG A 148 4.06 14.17 7.14
CA ARG A 148 5.29 14.92 7.26
C ARG A 148 6.19 14.59 6.09
N ARG A 149 6.21 13.30 5.69
CA ARG A 149 6.97 12.74 4.56
C ARG A 149 6.48 13.40 3.24
N GLU A 150 5.16 13.53 3.09
CA GLU A 150 4.51 14.12 1.93
C GLU A 150 4.02 15.57 2.23
N ARG A 151 4.74 16.33 3.11
CA ARG A 151 4.36 17.72 3.44
C ARG A 151 4.31 18.56 2.17
N GLY A 152 3.24 19.33 2.06
CA GLY A 152 3.03 20.19 0.90
C GLY A 152 2.52 19.48 -0.33
N HIS A 153 2.27 18.16 -0.25
CA HIS A 153 1.82 17.38 -1.41
C HIS A 153 0.62 16.51 -1.13
N VAL A 154 -0.15 16.88 -0.10
CA VAL A 154 -1.38 16.17 0.30
C VAL A 154 -2.56 17.07 -0.04
N PRO A 155 -3.34 16.69 -1.07
CA PRO A 155 -4.48 17.54 -1.48
C PRO A 155 -5.61 17.57 -0.47
N MET A 156 -6.44 18.62 -0.54
CA MET A 156 -7.56 18.78 0.39
C MET A 156 -8.56 17.63 0.33
N ALA A 157 -8.83 17.11 -0.88
CA ALA A 157 -9.73 15.98 -1.13
C ALA A 157 -9.35 14.73 -0.33
N TRP A 158 -8.05 14.40 -0.29
CA TRP A 158 -7.49 13.25 0.42
C TRP A 158 -7.78 13.40 1.94
N LYS A 159 -7.31 14.53 2.55
CA LYS A 159 -7.49 14.89 3.96
C LYS A 159 -8.94 14.77 4.38
N MET A 160 -9.86 15.23 3.49
CA MET A 160 -11.31 15.20 3.68
C MET A 160 -11.81 13.77 3.87
N VAL A 161 -11.37 12.82 3.00
CA VAL A 161 -11.70 11.38 3.10
C VAL A 161 -11.28 10.89 4.50
N VAL A 162 -10.00 11.12 4.88
CA VAL A 162 -9.42 10.74 6.17
C VAL A 162 -10.30 11.23 7.31
N ALA A 163 -10.79 12.51 7.22
CA ALA A 163 -11.71 13.11 8.20
C ALA A 163 -13.07 12.38 8.27
N GLN A 164 -13.67 12.05 7.08
CA GLN A 164 -14.96 11.33 6.99
C GLN A 164 -14.77 9.98 7.65
N GLN A 165 -13.69 9.27 7.30
CA GLN A 165 -13.36 7.94 7.84
C GLN A 165 -13.08 7.99 9.32
N LEU A 166 -12.40 9.04 9.79
CA LEU A 166 -12.13 9.20 11.21
C LEU A 166 -13.43 9.46 11.96
N ALA A 167 -14.33 10.27 11.38
CA ALA A 167 -15.62 10.60 12.00
C ALA A 167 -16.66 9.47 11.91
N SER A 168 -16.57 8.62 10.88
CA SER A 168 -17.46 7.46 10.70
C SER A 168 -17.15 6.47 11.82
N ALA A 169 -15.85 6.28 12.08
CA ALA A 169 -15.29 5.43 13.11
C ALA A 169 -15.63 5.95 14.48
N LEU A 170 -15.69 7.29 14.64
CA LEU A 170 -15.98 7.97 15.91
C LEU A 170 -17.51 8.17 16.18
N SER A 171 -18.35 8.07 15.12
CA SER A 171 -19.81 8.12 15.23
C SER A 171 -20.30 6.81 15.82
N TYR A 172 -19.64 5.69 15.47
CA TYR A 172 -19.92 4.33 15.89
C TYR A 172 -19.64 4.14 17.38
N LEU A 173 -18.54 4.76 17.91
CA LEU A 173 -18.21 4.65 19.34
C LEU A 173 -19.12 5.57 20.16
N GLU A 174 -19.62 6.66 19.54
CA GLU A 174 -20.54 7.61 20.15
C GLU A 174 -21.91 6.98 20.36
N ASN A 175 -22.42 6.23 19.37
CA ASN A 175 -23.73 5.57 19.43
C ASN A 175 -23.74 4.40 20.41
N LYS A 176 -22.56 3.78 20.66
CA LYS A 176 -22.38 2.68 21.61
C LYS A 176 -21.83 3.26 22.93
N ASN A 177 -21.87 4.62 23.06
CA ASN A 177 -21.41 5.45 24.18
C ASN A 177 -20.06 4.97 24.83
N LEU A 178 -19.10 4.57 23.96
CA LEU A 178 -17.73 4.13 24.26
C LEU A 178 -16.79 5.28 23.99
N VAL A 179 -15.76 5.43 24.85
CA VAL A 179 -14.78 6.52 24.66
C VAL A 179 -13.46 5.95 24.13
N HIS A 180 -12.93 6.54 23.03
CA HIS A 180 -11.63 6.16 22.52
C HIS A 180 -10.63 6.81 23.49
N GLY A 181 -10.60 8.14 23.48
CA GLY A 181 -9.78 8.95 24.38
C GLY A 181 -8.35 9.20 23.94
N ASN A 182 -8.02 8.91 22.66
CA ASN A 182 -6.67 9.16 22.15
C ASN A 182 -6.66 9.41 20.64
N VAL A 183 -7.51 10.34 20.18
CA VAL A 183 -7.54 10.65 18.77
C VAL A 183 -6.42 11.62 18.51
N CYS A 184 -5.51 11.25 17.58
CA CYS A 184 -4.34 11.99 17.09
C CYS A 184 -3.82 11.29 15.86
N GLY A 185 -3.09 12.02 15.04
CA GLY A 185 -2.48 11.51 13.82
C GLY A 185 -1.78 10.17 13.95
N ARG A 186 -1.01 9.99 15.05
CA ARG A 186 -0.25 8.78 15.37
C ARG A 186 -1.13 7.54 15.50
N ASN A 187 -2.33 7.69 16.05
CA ASN A 187 -3.31 6.61 16.22
C ASN A 187 -4.20 6.41 14.99
N ILE A 188 -3.98 7.15 13.91
CA ILE A 188 -4.69 6.95 12.64
C ILE A 188 -3.67 6.16 11.80
N LEU A 189 -4.03 4.96 11.33
CA LEU A 189 -3.08 4.16 10.54
C LEU A 189 -3.56 4.03 9.11
N LEU A 190 -2.64 4.17 8.17
CA LEU A 190 -2.95 4.10 6.74
C LEU A 190 -2.90 2.66 6.21
N ALA A 191 -4.07 2.07 6.01
CA ALA A 191 -4.12 0.73 5.45
C ALA A 191 -3.80 0.79 3.94
N ARG A 192 -4.36 1.81 3.25
CA ARG A 192 -4.23 2.09 1.83
C ARG A 192 -3.89 3.59 1.69
N LEU A 193 -2.77 3.92 1.02
CA LEU A 193 -2.27 5.31 0.85
C LEU A 193 -3.13 6.23 -0.05
N GLY A 194 -3.92 5.67 -0.99
CA GLY A 194 -4.74 6.43 -1.92
C GLY A 194 -3.98 7.45 -2.75
N LEU A 195 -2.77 7.08 -3.22
CA LEU A 195 -1.84 7.90 -4.02
C LEU A 195 -2.14 7.84 -5.53
N ALA A 196 -2.62 6.71 -6.01
CA ALA A 196 -2.99 6.49 -7.41
C ALA A 196 -4.35 7.18 -7.71
N GLU A 197 -4.55 7.56 -9.00
CA GLU A 197 -5.78 8.19 -9.50
C GLU A 197 -6.95 7.23 -9.32
N GLY A 198 -8.08 7.73 -8.85
CA GLY A 198 -9.27 6.91 -8.67
C GLY A 198 -9.24 6.00 -7.45
N THR A 199 -8.20 6.15 -6.60
CA THR A 199 -8.02 5.42 -5.33
C THR A 199 -7.92 6.42 -4.18
N SER A 200 -8.73 6.19 -3.14
CA SER A 200 -8.83 7.01 -1.95
C SER A 200 -8.04 6.40 -0.78
N PRO A 201 -7.62 7.20 0.23
CA PRO A 201 -6.90 6.60 1.36
C PRO A 201 -7.84 5.75 2.20
N PHE A 202 -7.31 4.78 2.93
CA PHE A 202 -8.12 3.95 3.78
C PHE A 202 -7.47 3.90 5.14
N ILE A 203 -8.15 4.47 6.17
CA ILE A 203 -7.61 4.53 7.54
C ILE A 203 -8.06 3.39 8.41
N LYS A 204 -7.45 3.30 9.59
CA LYS A 204 -7.72 2.34 10.65
C LYS A 204 -7.22 2.94 11.96
N LEU A 205 -8.13 3.58 12.73
CA LEU A 205 -7.85 4.20 14.02
C LEU A 205 -7.38 3.13 15.03
N SER A 206 -6.17 3.30 15.58
CA SER A 206 -5.52 2.39 16.54
C SER A 206 -6.22 2.30 17.90
N ASP A 207 -5.79 1.33 18.74
CA ASP A 207 -6.26 1.21 20.13
C ASP A 207 -5.71 2.44 20.88
N PRO A 208 -6.48 3.01 21.84
CA PRO A 208 -6.01 4.25 22.50
C PRO A 208 -4.81 4.11 23.47
N GLY A 209 -4.26 2.90 23.61
CA GLY A 209 -3.12 2.64 24.50
C GLY A 209 -3.53 2.54 25.96
N VAL A 210 -2.62 2.86 26.89
CA VAL A 210 -3.01 2.83 28.32
C VAL A 210 -4.08 3.94 28.52
N GLY A 211 -5.25 3.55 29.01
CA GLY A 211 -6.36 4.46 29.24
C GLY A 211 -5.98 5.74 29.96
N LEU A 212 -6.63 6.86 29.59
CA LEU A 212 -6.35 8.19 30.16
C LEU A 212 -6.32 8.25 31.70
N GLY A 213 -7.14 7.40 32.34
CA GLY A 213 -7.28 7.35 33.80
C GLY A 213 -6.04 6.95 34.57
N ALA A 214 -5.11 6.24 33.93
CA ALA A 214 -3.87 5.80 34.55
C ALA A 214 -2.69 6.76 34.29
N LEU A 215 -2.83 7.72 33.34
CA LEU A 215 -1.75 8.66 33.05
C LEU A 215 -1.64 9.76 34.11
N SER A 216 -0.40 10.25 34.35
CA SER A 216 -0.09 11.33 35.30
C SER A 216 -0.28 12.68 34.62
N ARG A 217 -0.40 13.77 35.41
CA ARG A 217 -0.54 15.14 34.90
C ARG A 217 0.54 15.43 33.84
N GLU A 218 1.80 15.04 34.13
CA GLU A 218 2.94 15.21 33.24
C GLU A 218 2.64 14.53 31.88
N GLU A 219 2.17 13.27 31.91
CA GLU A 219 1.78 12.49 30.72
C GLU A 219 0.54 13.09 29.99
N ARG A 220 -0.43 13.65 30.76
CA ARG A 220 -1.61 14.31 30.18
C ARG A 220 -1.21 15.60 29.45
N VAL A 221 -0.32 16.41 30.08
CA VAL A 221 0.21 17.65 29.50
C VAL A 221 0.89 17.36 28.15
N GLU A 222 1.64 16.24 28.04
CA GLU A 222 2.28 15.80 26.78
C GLU A 222 1.25 15.60 25.65
N ARG A 223 0.04 15.10 25.97
CA ARG A 223 -1.05 14.84 25.03
C ARG A 223 -1.72 16.12 24.47
N ILE A 224 -1.34 17.32 24.98
CA ILE A 224 -1.79 18.61 24.47
C ILE A 224 -1.05 18.82 23.13
N PRO A 225 -1.71 19.25 22.01
CA PRO A 225 -3.08 19.80 21.85
C PRO A 225 -4.27 18.84 21.71
N TRP A 226 -4.04 17.52 21.68
CA TRP A 226 -5.11 16.54 21.52
C TRP A 226 -5.96 16.33 22.80
N LEU A 227 -5.32 16.31 24.00
CA LEU A 227 -6.02 16.14 25.28
C LEU A 227 -7.14 17.18 25.45
N ALA A 228 -8.37 16.73 25.82
CA ALA A 228 -9.53 17.60 26.06
C ALA A 228 -9.23 18.46 27.32
N PRO A 229 -9.55 19.77 27.34
CA PRO A 229 -9.12 20.58 28.50
C PRO A 229 -9.67 20.13 29.83
N GLU A 230 -10.89 19.54 29.84
CA GLU A 230 -11.56 19.01 31.04
C GLU A 230 -10.77 17.87 31.65
N CYS A 231 -9.94 17.18 30.84
CA CYS A 231 -9.10 16.04 31.19
C CYS A 231 -7.76 16.41 31.82
N LEU A 232 -7.35 17.69 31.77
CA LEU A 232 -6.10 18.17 32.36
C LEU A 232 -6.08 17.92 33.87
N PRO A 233 -7.09 18.34 34.69
CA PRO A 233 -7.08 17.92 36.09
C PRO A 233 -7.72 16.52 36.17
N LEU A 239 -15.27 9.94 32.67
CA LEU A 239 -14.94 10.16 31.26
C LEU A 239 -16.18 10.26 30.37
N SER A 240 -16.25 11.29 29.48
CA SER A 240 -17.37 11.49 28.54
C SER A 240 -16.90 11.32 27.10
N THR A 241 -17.87 11.03 26.19
CA THR A 241 -17.65 10.89 24.74
C THR A 241 -17.29 12.26 24.15
N ALA A 242 -17.65 13.38 24.82
CA ALA A 242 -17.35 14.75 24.37
C ALA A 242 -15.86 15.07 24.25
N MET A 243 -15.00 14.28 24.95
CA MET A 243 -13.55 14.47 24.90
C MET A 243 -13.00 14.10 23.52
N ASP A 244 -13.61 13.06 22.85
CA ASP A 244 -13.24 12.62 21.49
C ASP A 244 -13.61 13.68 20.43
N LYS A 245 -14.46 14.65 20.78
CA LYS A 245 -14.80 15.74 19.86
C LYS A 245 -13.64 16.74 19.84
N TRP A 246 -12.97 16.93 21.01
CA TRP A 246 -11.78 17.79 21.04
C TRP A 246 -10.67 17.09 20.23
N GLY A 247 -10.49 15.78 20.48
CA GLY A 247 -9.52 14.93 19.81
C GLY A 247 -9.67 14.96 18.30
N PHE A 248 -10.90 14.71 17.80
CA PHE A 248 -11.19 14.77 16.36
C PHE A 248 -10.86 16.17 15.79
N GLY A 249 -11.14 17.21 16.56
CA GLY A 249 -10.85 18.59 16.18
C GLY A 249 -9.36 18.91 16.06
N ALA A 250 -8.57 18.59 17.12
CA ALA A 250 -7.11 18.80 17.10
C ALA A 250 -6.44 17.95 16.00
N THR A 251 -6.98 16.75 15.70
CA THR A 251 -6.50 15.89 14.63
C THR A 251 -6.84 16.49 13.25
N LEU A 252 -7.99 17.21 13.09
CA LEU A 252 -8.28 17.88 11.81
C LEU A 252 -7.19 18.93 11.51
N LEU A 253 -6.82 19.72 12.55
CA LEU A 253 -5.79 20.76 12.49
C LEU A 253 -4.46 20.17 12.14
N GLU A 254 -4.09 19.04 12.77
CA GLU A 254 -2.85 18.30 12.54
C GLU A 254 -2.80 17.84 11.10
N ILE A 255 -3.94 17.32 10.57
CA ILE A 255 -4.04 16.87 9.18
C ILE A 255 -3.87 18.06 8.20
N CYS A 256 -4.55 19.20 8.46
CA CYS A 256 -4.46 20.39 7.58
C CYS A 256 -3.05 20.93 7.50
N PHE A 257 -2.37 20.99 8.68
CA PHE A 257 -1.00 21.48 8.84
C PHE A 257 0.05 20.37 8.59
N ASP A 258 -0.29 19.41 7.70
CA ASP A 258 0.53 18.27 7.21
C ASP A 258 1.40 17.57 8.31
N GLY A 259 0.74 17.07 9.36
CA GLY A 259 1.37 16.35 10.46
C GLY A 259 2.07 17.19 11.51
N GLU A 260 1.99 18.52 11.41
CA GLU A 260 2.57 19.46 12.37
C GLU A 260 1.44 20.07 13.20
N ALA A 261 1.14 19.48 14.39
CA ALA A 261 0.07 19.96 15.28
C ALA A 261 0.47 21.25 16.01
N PRO A 262 -0.49 22.19 16.28
CA PRO A 262 -0.12 23.40 17.03
C PRO A 262 0.29 23.04 18.45
N LEU A 263 1.33 23.71 19.00
CA LEU A 263 1.92 23.54 20.35
C LEU A 263 2.85 22.34 20.50
N GLN A 264 2.98 21.50 19.44
CA GLN A 264 3.80 20.28 19.46
C GLN A 264 5.24 20.51 19.89
N SER A 265 5.85 21.64 19.49
CA SER A 265 7.22 21.94 19.87
C SER A 265 7.34 22.59 21.27
N ARG A 266 6.28 23.30 21.74
CA ARG A 266 6.20 24.02 23.04
C ARG A 266 6.52 23.14 24.27
N SER A 267 7.14 23.77 25.29
CA SER A 267 7.54 23.12 26.54
C SER A 267 6.32 22.75 27.38
N PRO A 268 6.38 21.69 28.23
CA PRO A 268 5.19 21.31 29.01
C PRO A 268 4.52 22.45 29.74
N SER A 269 5.29 23.44 30.24
CA SER A 269 4.72 24.61 30.92
C SER A 269 3.95 25.49 29.94
N GLU A 270 4.54 25.80 28.76
CA GLU A 270 3.89 26.61 27.73
C GLU A 270 2.56 25.96 27.30
N LYS A 271 2.52 24.60 27.23
CA LYS A 271 1.34 23.82 26.86
C LYS A 271 0.28 23.96 27.95
N GLU A 272 0.66 23.65 29.22
CA GLU A 272 -0.18 23.74 30.42
C GLU A 272 -0.83 25.15 30.56
N HIS A 273 -0.02 26.20 30.34
CA HIS A 273 -0.44 27.59 30.44
C HIS A 273 -1.52 27.95 29.43
N PHE A 274 -1.40 27.49 28.18
CA PHE A 274 -2.34 27.71 27.08
C PHE A 274 -3.74 27.24 27.47
N TYR A 275 -3.83 26.08 28.17
CA TYR A 275 -5.08 25.47 28.62
C TYR A 275 -5.60 26.13 29.88
N GLN A 276 -4.69 26.46 30.83
CA GLN A 276 -5.04 27.17 32.09
C GLN A 276 -5.59 28.58 31.76
N ARG A 277 -4.92 29.30 30.86
CA ARG A 277 -5.33 30.64 30.41
C ARG A 277 -6.50 30.62 29.38
N GLN A 278 -7.12 29.43 29.18
CA GLN A 278 -8.28 29.15 28.34
C GLN A 278 -8.18 29.64 26.87
N HIS A 279 -6.94 29.73 26.30
CA HIS A 279 -6.70 30.15 24.92
C HIS A 279 -7.25 29.17 23.88
N ARG A 280 -7.30 29.58 22.60
CA ARG A 280 -7.78 28.70 21.56
C ARG A 280 -6.76 28.43 20.46
N LEU A 281 -6.83 27.22 19.89
CA LEU A 281 -5.90 26.77 18.86
C LEU A 281 -6.10 27.52 17.55
N PRO A 282 -5.05 27.65 16.69
CA PRO A 282 -5.23 28.38 15.43
C PRO A 282 -6.31 27.83 14.52
N GLU A 283 -6.79 28.65 13.61
CA GLU A 283 -7.78 28.26 12.60
C GLU A 283 -7.02 27.48 11.51
N PRO A 284 -7.61 26.46 10.86
CA PRO A 284 -6.85 25.75 9.80
C PRO A 284 -6.65 26.58 8.51
N SER A 285 -5.87 26.05 7.55
CA SER A 285 -5.56 26.69 6.28
C SER A 285 -6.50 26.23 5.14
N CYS A 286 -7.76 25.88 5.49
CA CYS A 286 -8.81 25.44 4.56
C CYS A 286 -10.20 25.63 5.20
N PRO A 287 -11.00 26.66 4.79
CA PRO A 287 -12.31 26.89 5.44
C PRO A 287 -13.29 25.71 5.35
N GLN A 288 -12.93 24.68 4.54
CA GLN A 288 -13.66 23.42 4.36
C GLN A 288 -13.82 22.67 5.72
N LEU A 289 -13.00 23.07 6.73
CA LEU A 289 -12.98 22.52 8.09
C LEU A 289 -12.91 23.59 9.20
N ALA A 290 -12.69 24.88 8.84
CA ALA A 290 -12.51 25.99 9.80
C ALA A 290 -13.64 26.18 10.82
N THR A 291 -14.89 25.94 10.41
CA THR A 291 -16.08 26.05 11.26
C THR A 291 -16.17 24.84 12.19
N LEU A 292 -16.09 23.63 11.61
CA LEU A 292 -16.14 22.34 12.29
C LEU A 292 -15.12 22.27 13.44
N THR A 293 -13.87 22.73 13.19
CA THR A 293 -12.80 22.80 14.20
C THR A 293 -13.15 23.75 15.35
N SER A 294 -13.66 24.98 15.05
CA SER A 294 -14.04 25.95 16.08
C SER A 294 -15.12 25.38 17.02
N GLN A 295 -16.07 24.62 16.45
CA GLN A 295 -17.16 23.98 17.19
C GLN A 295 -16.59 22.89 18.13
N CYS A 296 -15.72 22.01 17.60
CA CYS A 296 -15.09 20.90 18.33
C CYS A 296 -14.12 21.36 19.42
N LEU A 297 -13.35 22.42 19.16
CA LEU A 297 -12.27 22.90 20.02
C LEU A 297 -12.70 24.05 20.98
N THR A 298 -13.86 23.84 21.61
CA THR A 298 -14.47 24.72 22.62
C THR A 298 -14.18 24.10 23.99
N TYR A 299 -13.88 24.94 24.98
CA TYR A 299 -13.56 24.48 26.33
C TYR A 299 -14.77 23.88 27.06
N GLU A 300 -15.98 24.18 26.56
CA GLU A 300 -17.24 23.65 27.09
C GLU A 300 -17.57 22.30 26.41
N PRO A 301 -17.46 21.15 27.14
CA PRO A 301 -17.77 19.85 26.53
C PRO A 301 -19.17 19.74 25.90
N THR A 302 -20.20 20.23 26.62
CA THR A 302 -21.61 20.22 26.21
C THR A 302 -21.89 20.96 24.89
N GLN A 303 -21.06 21.98 24.59
CA GLN A 303 -21.11 22.79 23.37
C GLN A 303 -20.64 22.10 22.08
N ARG A 304 -19.86 20.98 22.17
CA ARG A 304 -19.30 20.25 21.03
C ARG A 304 -20.32 19.48 20.19
N PRO A 305 -20.22 19.54 18.82
CA PRO A 305 -21.21 18.81 17.99
C PRO A 305 -21.08 17.28 18.06
N SER A 306 -22.20 16.56 17.93
CA SER A 306 -22.21 15.09 17.94
C SER A 306 -21.62 14.59 16.64
N PHE A 307 -21.07 13.36 16.62
CA PHE A 307 -20.44 12.87 15.38
C PHE A 307 -21.45 12.68 14.26
N ARG A 308 -22.73 12.50 14.62
CA ARG A 308 -23.86 12.43 13.67
C ARG A 308 -23.86 13.78 12.92
N THR A 309 -23.81 14.91 13.68
CA THR A 309 -23.76 16.28 13.14
C THR A 309 -22.49 16.50 12.29
N ILE A 310 -21.29 16.10 12.82
CA ILE A 310 -19.99 16.25 12.17
C ILE A 310 -20.00 15.57 10.79
N LEU A 311 -20.38 14.28 10.72
CA LEU A 311 -20.49 13.48 9.49
C LEU A 311 -21.42 14.13 8.43
N ARG A 312 -22.47 14.85 8.90
CA ARG A 312 -23.42 15.62 8.09
C ARG A 312 -22.68 16.84 7.56
N ASP A 313 -21.97 17.58 8.45
CA ASP A 313 -21.18 18.80 8.16
C ASP A 313 -20.04 18.53 7.19
N LEU A 314 -19.62 17.26 7.06
CA LEU A 314 -18.56 16.86 6.15
C LEU A 314 -19.18 16.61 4.79
N THR A 315 -20.08 15.58 4.69
CA THR A 315 -20.82 15.17 3.49
C THR A 315 -21.77 16.28 3.01
N SER B 28 5.37 8.18 -32.20
CA SER B 28 5.83 9.21 -31.26
C SER B 28 5.26 9.06 -29.83
N PHE B 29 5.76 9.94 -28.93
CA PHE B 29 5.50 10.04 -27.49
C PHE B 29 5.69 11.51 -27.05
N HIS B 30 5.15 11.85 -25.87
CA HIS B 30 5.22 13.18 -25.29
C HIS B 30 6.61 13.50 -24.72
N ARG B 31 7.00 14.78 -24.79
CA ARG B 31 8.29 15.23 -24.24
C ARG B 31 8.08 15.90 -22.90
N VAL B 32 8.58 15.27 -21.85
CA VAL B 32 8.41 15.78 -20.49
C VAL B 32 9.70 16.51 -20.09
N ASP B 33 9.59 17.78 -19.71
CA ASP B 33 10.72 18.59 -19.23
C ASP B 33 11.07 18.11 -17.82
N GLN B 34 12.32 18.33 -17.38
CA GLN B 34 12.69 17.89 -16.03
C GLN B 34 12.09 18.79 -14.94
N LYS B 35 11.58 19.98 -15.31
CA LYS B 35 10.89 20.91 -14.40
C LYS B 35 9.57 20.29 -13.92
N GLU B 36 8.88 19.56 -14.80
CA GLU B 36 7.59 18.91 -14.52
C GLU B 36 7.65 17.70 -13.57
N ILE B 37 8.78 16.99 -13.53
CA ILE B 37 8.87 15.78 -12.69
C ILE B 37 9.66 15.98 -11.39
N THR B 38 9.39 15.08 -10.43
CA THR B 38 10.08 15.01 -9.15
C THR B 38 10.37 13.55 -8.88
N GLN B 39 11.66 13.18 -8.75
CA GLN B 39 12.08 11.82 -8.46
C GLN B 39 11.95 11.63 -6.95
N LEU B 40 11.37 10.50 -6.54
CA LEU B 40 11.16 10.15 -5.14
C LEU B 40 11.90 8.85 -4.78
N SER B 41 11.29 7.96 -3.99
CA SER B 41 11.94 6.70 -3.53
C SER B 41 12.16 5.70 -4.64
N HIS B 42 13.29 5.01 -4.58
CA HIS B 42 13.69 3.96 -5.50
C HIS B 42 12.83 2.72 -5.23
N LEU B 43 12.44 2.00 -6.28
CA LEU B 43 11.54 0.85 -6.22
C LEU B 43 12.18 -0.41 -6.74
N GLY B 44 13.11 -0.26 -7.66
CA GLY B 44 13.77 -1.42 -8.26
C GLY B 44 14.68 -1.12 -9.43
N GLN B 45 15.16 -2.18 -10.08
CA GLN B 45 16.07 -2.09 -11.22
C GLN B 45 15.53 -2.99 -12.30
N GLY B 46 15.53 -2.50 -13.54
CA GLY B 46 15.11 -3.27 -14.68
C GLY B 46 16.32 -3.59 -15.50
N THR B 47 16.11 -3.99 -16.77
CA THR B 47 17.25 -4.20 -17.63
C THR B 47 17.70 -2.83 -18.11
N ARG B 48 18.89 -2.41 -17.64
CA ARG B 48 19.53 -1.11 -17.94
C ARG B 48 18.79 0.11 -17.35
N THR B 49 17.98 -0.10 -16.32
CA THR B 49 17.22 1.00 -15.72
C THR B 49 17.13 0.91 -14.21
N ASN B 50 16.77 2.04 -13.57
CA ASN B 50 16.46 2.19 -12.16
C ASN B 50 15.06 2.80 -12.06
N VAL B 51 14.18 2.14 -11.32
CA VAL B 51 12.78 2.52 -11.19
C VAL B 51 12.57 3.32 -9.91
N TYR B 52 11.96 4.50 -10.03
CA TYR B 52 11.67 5.41 -8.91
C TYR B 52 10.18 5.78 -8.84
N GLU B 53 9.69 6.11 -7.66
CA GLU B 53 8.36 6.67 -7.47
C GLU B 53 8.62 8.14 -7.79
N GLY B 54 7.58 8.89 -8.14
CA GLY B 54 7.76 10.28 -8.46
C GLY B 54 6.48 11.03 -8.63
N ARG B 55 6.60 12.35 -8.81
CA ARG B 55 5.46 13.22 -9.03
C ARG B 55 5.62 13.91 -10.38
N LEU B 56 4.48 14.14 -11.09
CA LEU B 56 4.39 14.85 -12.39
C LEU B 56 3.45 16.04 -12.19
N ARG B 57 3.89 17.29 -12.52
CA ARG B 57 3.07 18.52 -12.37
C ARG B 57 2.43 18.92 -13.70
N GLU B 84 -0.70 17.70 -10.17
CA GLU B 84 0.33 16.80 -9.63
C GLU B 84 -0.11 15.35 -9.48
N LEU B 85 0.35 14.45 -10.39
CA LEU B 85 0.01 13.01 -10.36
C LEU B 85 1.11 12.16 -9.73
N ARG B 86 0.74 11.00 -9.16
CA ARG B 86 1.75 10.07 -8.65
C ARG B 86 2.19 9.28 -9.88
N VAL B 87 3.50 9.26 -10.17
CA VAL B 87 4.03 8.58 -11.35
C VAL B 87 5.20 7.63 -10.98
N VAL B 88 5.59 6.76 -11.93
CA VAL B 88 6.74 5.86 -11.81
C VAL B 88 7.73 6.28 -12.91
N LEU B 89 8.94 6.66 -12.51
CA LEU B 89 10.00 7.12 -13.38
C LEU B 89 11.04 6.01 -13.66
N LYS B 90 11.09 5.53 -14.91
CA LYS B 90 12.01 4.48 -15.34
C LYS B 90 13.22 5.10 -15.98
N VAL B 91 14.24 5.35 -15.16
CA VAL B 91 15.49 6.03 -15.55
C VAL B 91 16.50 5.07 -16.21
N LEU B 92 16.66 5.21 -17.54
CA LEU B 92 17.61 4.42 -18.34
C LEU B 92 19.02 4.84 -17.99
N ASP B 93 19.94 3.90 -17.98
CA ASP B 93 21.35 4.16 -17.70
C ASP B 93 21.97 4.93 -18.85
N PRO B 94 23.14 5.63 -18.67
CA PRO B 94 23.84 6.22 -19.82
C PRO B 94 23.91 5.14 -20.90
N SER B 95 23.47 5.47 -22.14
CA SER B 95 23.34 4.48 -23.22
C SER B 95 23.70 4.99 -24.58
N HIS B 96 23.88 4.04 -25.52
CA HIS B 96 24.17 4.31 -26.90
C HIS B 96 22.86 4.47 -27.63
N HIS B 97 22.87 5.26 -28.72
CA HIS B 97 21.71 5.62 -29.54
C HIS B 97 20.77 4.46 -29.88
N ASP B 98 21.30 3.21 -30.11
CA ASP B 98 20.47 2.04 -30.41
C ASP B 98 19.71 1.58 -29.18
N ILE B 99 20.37 1.59 -27.98
CA ILE B 99 19.71 1.21 -26.72
C ILE B 99 18.58 2.23 -26.47
N ALA B 100 18.90 3.55 -26.43
CA ALA B 100 17.93 4.64 -26.24
C ALA B 100 16.78 4.53 -27.23
N LEU B 101 17.06 4.10 -28.49
CA LEU B 101 16.03 3.92 -29.51
C LEU B 101 15.08 2.79 -29.13
N ALA B 102 15.57 1.66 -28.56
CA ALA B 102 14.71 0.56 -28.10
C ALA B 102 13.86 1.04 -26.93
N PHE B 103 14.38 2.02 -26.14
CA PHE B 103 13.67 2.65 -25.04
C PHE B 103 12.57 3.55 -25.62
N TYR B 104 12.91 4.41 -26.61
CA TYR B 104 11.94 5.32 -27.28
C TYR B 104 10.83 4.58 -27.99
N GLU B 105 11.14 3.39 -28.57
CA GLU B 105 10.21 2.54 -29.29
C GLU B 105 9.16 2.01 -28.30
N THR B 106 9.60 1.64 -27.05
CA THR B 106 8.75 1.13 -25.98
C THR B 106 7.78 2.24 -25.52
N ALA B 107 8.30 3.45 -25.30
CA ALA B 107 7.50 4.61 -24.96
C ALA B 107 6.41 4.79 -26.01
N SER B 108 6.79 4.74 -27.30
CA SER B 108 5.92 4.86 -28.46
C SER B 108 4.81 3.80 -28.47
N LEU B 109 5.16 2.51 -28.30
CA LEU B 109 4.19 1.40 -28.27
C LEU B 109 3.11 1.70 -27.24
N MET B 110 3.55 1.97 -25.99
CA MET B 110 2.73 2.25 -24.83
C MET B 110 1.92 3.53 -24.94
N SER B 111 2.47 4.56 -25.59
CA SER B 111 1.82 5.84 -25.80
C SER B 111 0.64 5.71 -26.78
N GLN B 112 0.86 5.03 -27.91
CA GLN B 112 -0.10 4.78 -28.99
C GLN B 112 -1.05 3.56 -28.79
N VAL B 113 -1.25 3.12 -27.54
CA VAL B 113 -2.21 2.04 -27.22
C VAL B 113 -3.07 2.43 -26.05
N SER B 114 -4.31 2.00 -26.06
CA SER B 114 -5.19 2.27 -24.93
C SER B 114 -5.97 1.05 -24.61
N HIS B 115 -5.84 0.58 -23.38
CA HIS B 115 -6.52 -0.59 -22.89
C HIS B 115 -6.66 -0.47 -21.41
N THR B 116 -7.81 -0.94 -20.89
CA THR B 116 -8.12 -0.89 -19.48
C THR B 116 -7.04 -1.63 -18.66
N HIS B 117 -6.52 -2.77 -19.18
CA HIS B 117 -5.53 -3.62 -18.51
C HIS B 117 -4.08 -3.43 -19.02
N LEU B 118 -3.74 -2.20 -19.45
CA LEU B 118 -2.40 -1.85 -19.90
C LEU B 118 -1.96 -0.55 -19.16
N ALA B 119 -0.77 -0.52 -18.52
CA ALA B 119 -0.29 0.67 -17.83
C ALA B 119 -0.04 1.81 -18.80
N PHE B 120 -0.35 3.04 -18.37
CA PHE B 120 -0.26 4.30 -19.12
C PHE B 120 1.13 4.89 -19.19
N VAL B 121 1.57 5.28 -20.38
CA VAL B 121 2.84 5.99 -20.47
C VAL B 121 2.55 7.49 -20.67
N HIS B 122 3.16 8.34 -19.83
CA HIS B 122 2.99 9.79 -19.81
C HIS B 122 3.83 10.52 -20.87
N GLY B 123 5.09 10.10 -21.03
CA GLY B 123 6.05 10.69 -21.96
C GLY B 123 7.48 10.29 -21.62
N VAL B 124 8.48 11.06 -22.14
CA VAL B 124 9.90 10.78 -21.91
C VAL B 124 10.62 12.10 -21.60
N CYS B 125 11.57 12.07 -20.66
CA CYS B 125 12.42 13.18 -20.21
C CYS B 125 13.87 12.83 -20.56
N VAL B 126 14.71 13.83 -20.91
CA VAL B 126 16.11 13.59 -21.30
C VAL B 126 17.05 14.49 -20.43
N ARG B 127 17.47 13.94 -19.26
CA ARG B 127 18.28 14.58 -18.20
C ARG B 127 19.74 14.16 -18.28
N GLY B 128 20.50 14.87 -19.13
CA GLY B 128 21.91 14.63 -19.42
C GLY B 128 22.09 13.30 -20.15
N PRO B 129 22.91 12.36 -19.61
CA PRO B 129 23.02 11.05 -20.27
C PRO B 129 21.81 10.15 -20.02
N GLU B 130 21.04 10.44 -18.93
CA GLU B 130 19.87 9.70 -18.47
C GLU B 130 18.57 10.07 -19.25
N ASN B 131 17.77 9.05 -19.57
CA ASN B 131 16.46 9.12 -20.23
C ASN B 131 15.45 8.61 -19.21
N ILE B 132 14.36 9.36 -19.01
CA ILE B 132 13.34 8.98 -18.04
C ILE B 132 12.00 8.65 -18.75
N MET B 133 11.47 7.43 -18.56
CA MET B 133 10.17 7.12 -19.12
C MET B 133 9.17 7.42 -18.01
N VAL B 134 8.34 8.44 -18.22
CA VAL B 134 7.36 8.80 -17.20
C VAL B 134 6.15 7.91 -17.44
N THR B 135 5.86 7.01 -16.49
CA THR B 135 4.78 6.01 -16.58
C THR B 135 3.75 6.18 -15.42
N GLU B 136 2.66 5.36 -15.48
CA GLU B 136 1.58 5.30 -14.50
C GLU B 136 2.05 4.66 -13.18
N TYR B 137 1.61 5.17 -12.03
CA TYR B 137 1.85 4.61 -10.70
C TYR B 137 0.61 3.77 -10.41
N VAL B 138 0.76 2.44 -10.13
CA VAL B 138 -0.40 1.61 -9.78
C VAL B 138 -0.32 1.33 -8.27
N GLU B 139 -1.48 1.35 -7.58
CA GLU B 139 -1.54 1.28 -6.12
C GLU B 139 -0.71 0.20 -5.44
N HIS B 140 -0.68 -1.03 -5.94
CA HIS B 140 -0.05 -2.11 -5.18
C HIS B 140 1.25 -2.68 -5.79
N GLY B 141 1.74 -2.06 -6.87
CA GLY B 141 2.97 -2.46 -7.54
C GLY B 141 3.05 -3.86 -8.16
N PRO B 142 4.27 -4.42 -8.31
CA PRO B 142 4.42 -5.73 -8.97
C PRO B 142 3.74 -6.92 -8.32
N LEU B 143 3.19 -7.82 -9.17
CA LEU B 143 2.41 -8.99 -8.79
C LEU B 143 3.22 -10.10 -8.20
N ASP B 144 4.42 -10.37 -8.77
CA ASP B 144 5.29 -11.44 -8.25
C ASP B 144 5.54 -11.22 -6.74
N VAL B 145 5.93 -9.99 -6.38
CA VAL B 145 6.19 -9.54 -5.02
C VAL B 145 5.01 -9.87 -4.09
N TRP B 146 3.81 -9.59 -4.54
CA TRP B 146 2.59 -9.83 -3.81
C TRP B 146 2.24 -11.30 -3.67
N LEU B 147 2.42 -12.11 -4.76
CA LEU B 147 2.13 -13.54 -4.69
C LEU B 147 3.09 -14.26 -3.70
N ARG B 148 4.36 -13.84 -3.69
CA ARG B 148 5.41 -14.39 -2.83
C ARG B 148 5.09 -14.04 -1.38
N ARG B 149 4.72 -12.77 -1.15
CA ARG B 149 4.36 -12.23 0.15
C ARG B 149 3.14 -12.96 0.75
N GLU B 150 2.13 -13.29 -0.09
CA GLU B 150 0.89 -13.93 0.29
C GLU B 150 0.81 -15.41 -0.14
N ARG B 151 1.98 -16.12 -0.30
CA ARG B 151 2.04 -17.54 -0.71
C ARG B 151 1.19 -18.45 0.19
N GLY B 152 0.35 -19.24 -0.46
CA GLY B 152 -0.56 -20.15 0.22
C GLY B 152 -1.78 -19.46 0.78
N HIS B 153 -2.13 -18.26 0.27
CA HIS B 153 -3.32 -17.51 0.73
C HIS B 153 -4.12 -16.91 -0.41
N VAL B 154 -3.72 -17.26 -1.66
CA VAL B 154 -4.28 -16.76 -2.90
C VAL B 154 -5.16 -17.81 -3.59
N PRO B 155 -6.51 -17.62 -3.56
CA PRO B 155 -7.41 -18.60 -4.18
C PRO B 155 -7.28 -18.68 -5.69
N MET B 156 -7.57 -19.89 -6.22
CA MET B 156 -7.53 -20.20 -7.65
C MET B 156 -8.32 -19.21 -8.49
N ALA B 157 -9.49 -18.76 -7.98
CA ALA B 157 -10.39 -17.79 -8.63
C ALA B 157 -9.67 -16.48 -8.92
N TRP B 158 -8.92 -15.97 -7.91
CA TRP B 158 -8.08 -14.76 -7.98
C TRP B 158 -7.08 -14.90 -9.14
N LYS B 159 -6.39 -16.06 -9.24
CA LYS B 159 -5.42 -16.39 -10.28
C LYS B 159 -6.10 -16.47 -11.65
N MET B 160 -7.31 -16.98 -11.72
CA MET B 160 -8.03 -17.05 -12.98
C MET B 160 -8.48 -15.65 -13.47
N VAL B 161 -8.87 -14.71 -12.56
CA VAL B 161 -9.26 -13.35 -12.99
C VAL B 161 -8.04 -12.63 -13.59
N VAL B 162 -6.89 -12.76 -12.92
CA VAL B 162 -5.62 -12.20 -13.36
C VAL B 162 -5.25 -12.74 -14.77
N ALA B 163 -5.37 -14.08 -14.98
CA ALA B 163 -5.09 -14.76 -16.26
C ALA B 163 -5.91 -14.16 -17.42
N GLN B 164 -7.24 -14.02 -17.24
CA GLN B 164 -8.16 -13.47 -18.26
C GLN B 164 -7.79 -12.01 -18.55
N GLN B 165 -7.59 -11.22 -17.50
CA GLN B 165 -7.20 -9.83 -17.63
C GLN B 165 -5.91 -9.66 -18.46
N LEU B 166 -4.92 -10.53 -18.23
CA LEU B 166 -3.67 -10.57 -18.98
C LEU B 166 -3.92 -11.01 -20.44
N ALA B 167 -4.78 -12.02 -20.67
CA ALA B 167 -5.14 -12.44 -22.03
C ALA B 167 -5.87 -11.32 -22.78
N SER B 168 -6.73 -10.52 -22.11
CA SER B 168 -7.43 -9.38 -22.72
C SER B 168 -6.39 -8.38 -23.22
N ALA B 169 -5.45 -7.95 -22.35
CA ALA B 169 -4.38 -7.01 -22.70
C ALA B 169 -3.59 -7.55 -23.88
N LEU B 170 -3.22 -8.83 -23.82
CA LEU B 170 -2.41 -9.50 -24.83
C LEU B 170 -3.15 -9.76 -26.14
N SER B 171 -4.50 -9.90 -26.10
CA SER B 171 -5.31 -10.04 -27.31
C SER B 171 -5.37 -8.69 -28.02
N TYR B 172 -5.66 -7.61 -27.27
CA TYR B 172 -5.69 -6.25 -27.79
C TYR B 172 -4.46 -5.96 -28.64
N LEU B 173 -3.26 -6.25 -28.12
CA LEU B 173 -1.99 -6.05 -28.81
C LEU B 173 -1.86 -7.00 -30.01
N GLU B 174 -2.38 -8.25 -29.93
CA GLU B 174 -2.38 -9.20 -31.04
C GLU B 174 -3.26 -8.73 -32.21
N ASN B 175 -4.48 -8.20 -31.94
CA ASN B 175 -5.35 -7.64 -32.99
C ASN B 175 -4.64 -6.45 -33.64
N LYS B 176 -3.80 -5.76 -32.85
CA LYS B 176 -3.03 -4.63 -33.32
C LYS B 176 -1.72 -5.06 -33.98
N ASN B 177 -1.39 -6.37 -33.94
CA ASN B 177 -0.13 -6.93 -34.45
C ASN B 177 1.09 -6.22 -33.82
N LEU B 178 1.03 -6.06 -32.48
CA LEU B 178 2.00 -5.37 -31.63
C LEU B 178 2.53 -6.30 -30.54
N VAL B 179 3.84 -6.58 -30.52
CA VAL B 179 4.40 -7.44 -29.50
C VAL B 179 4.68 -6.65 -28.17
N HIS B 180 4.79 -7.36 -27.04
CA HIS B 180 5.17 -6.79 -25.76
C HIS B 180 6.64 -7.15 -25.57
N GLY B 181 6.93 -8.46 -25.55
CA GLY B 181 8.28 -9.01 -25.45
C GLY B 181 8.80 -9.22 -24.04
N ASN B 182 8.03 -8.78 -23.02
CA ASN B 182 8.43 -8.94 -21.64
C ASN B 182 7.21 -9.16 -20.77
N VAL B 183 6.49 -10.26 -21.03
CA VAL B 183 5.33 -10.60 -20.24
C VAL B 183 5.85 -11.49 -19.12
N CYS B 184 5.99 -10.92 -17.90
CA CYS B 184 6.43 -11.66 -16.72
C CYS B 184 5.73 -11.06 -15.56
N GLY B 185 5.56 -11.83 -14.49
CA GLY B 185 4.86 -11.46 -13.26
C GLY B 185 5.18 -10.08 -12.72
N ARG B 186 6.46 -9.71 -12.76
CA ARG B 186 6.98 -8.41 -12.35
C ARG B 186 6.31 -7.25 -13.17
N ASN B 187 6.09 -7.46 -14.50
CA ASN B 187 5.46 -6.46 -15.35
C ASN B 187 3.91 -6.51 -15.27
N ILE B 188 3.40 -7.23 -14.25
CA ILE B 188 1.98 -7.28 -13.95
C ILE B 188 1.81 -6.43 -12.69
N LEU B 189 1.08 -5.32 -12.81
CA LEU B 189 0.86 -4.36 -11.73
C LEU B 189 -0.55 -4.49 -11.23
N LEU B 190 -0.76 -4.39 -9.89
CA LEU B 190 -2.04 -4.55 -9.23
C LEU B 190 -2.64 -3.19 -8.92
N ALA B 191 -3.67 -2.75 -9.65
CA ALA B 191 -4.34 -1.48 -9.38
C ALA B 191 -5.29 -1.69 -8.20
N ARG B 192 -6.01 -2.80 -8.19
CA ARG B 192 -6.87 -3.20 -7.07
C ARG B 192 -6.39 -4.61 -6.70
N LEU B 193 -6.13 -4.83 -5.39
CA LEU B 193 -5.61 -6.09 -4.83
C LEU B 193 -6.56 -7.30 -4.86
N GLY B 194 -7.86 -7.07 -4.66
CA GLY B 194 -8.91 -8.09 -4.71
C GLY B 194 -8.75 -9.30 -3.81
N LEU B 195 -8.33 -9.08 -2.56
CA LEU B 195 -8.21 -10.15 -1.56
C LEU B 195 -8.44 -9.44 -0.24
N ALA B 196 -9.61 -9.65 0.43
CA ALA B 196 -10.72 -10.54 0.05
C ALA B 196 -12.08 -9.82 0.32
N GLU B 197 -13.07 -9.88 -0.59
CA GLU B 197 -13.04 -10.57 -1.87
C GLU B 197 -12.12 -9.90 -2.97
N GLY B 198 -11.88 -8.57 -2.97
CA GLY B 198 -12.57 -7.54 -2.20
C GLY B 198 -13.79 -7.21 -3.02
N THR B 199 -13.53 -7.19 -4.36
CA THR B 199 -14.41 -6.97 -5.51
C THR B 199 -13.91 -7.91 -6.65
N SER B 200 -12.60 -8.38 -6.53
CA SER B 200 -11.70 -9.21 -7.35
C SER B 200 -10.49 -8.36 -7.83
N PRO B 201 -9.35 -8.90 -8.34
CA PRO B 201 -8.20 -8.02 -8.71
C PRO B 201 -8.34 -7.22 -10.00
N PHE B 202 -7.53 -6.16 -10.13
CA PHE B 202 -7.51 -5.37 -11.35
C PHE B 202 -6.06 -5.10 -11.69
N ILE B 203 -5.52 -5.86 -12.64
CA ILE B 203 -4.13 -5.75 -13.08
C ILE B 203 -3.97 -4.71 -14.18
N LYS B 204 -2.72 -4.30 -14.43
CA LYS B 204 -2.29 -3.43 -15.53
C LYS B 204 -0.92 -3.94 -16.01
N LEU B 205 -0.80 -4.39 -17.30
CA LEU B 205 0.47 -4.86 -17.86
C LEU B 205 1.34 -3.63 -18.11
N SER B 206 2.53 -3.63 -17.56
CA SER B 206 3.50 -2.53 -17.60
C SER B 206 4.08 -2.38 -18.97
N ASP B 207 5.05 -1.47 -19.11
CA ASP B 207 5.81 -1.33 -20.34
C ASP B 207 6.90 -2.42 -20.27
N PRO B 208 7.35 -2.94 -21.44
CA PRO B 208 8.36 -4.01 -21.43
C PRO B 208 9.82 -3.57 -21.21
N GLY B 209 10.03 -2.28 -20.95
CA GLY B 209 11.36 -1.69 -20.77
C GLY B 209 12.13 -1.59 -22.06
N VAL B 210 13.47 -1.61 -21.99
CA VAL B 210 14.35 -1.57 -23.20
C VAL B 210 13.98 -2.77 -24.02
N GLY B 211 13.52 -2.54 -25.25
CA GLY B 211 13.08 -3.59 -26.18
C GLY B 211 14.04 -4.74 -26.30
N LEU B 212 13.51 -5.96 -26.50
CA LEU B 212 14.31 -7.18 -26.63
C LEU B 212 15.48 -7.04 -27.58
N GLY B 213 15.18 -6.57 -28.81
CA GLY B 213 16.15 -6.37 -29.89
C GLY B 213 17.50 -5.80 -29.52
N ALA B 214 17.52 -4.83 -28.55
CA ALA B 214 18.71 -4.13 -28.05
C ALA B 214 19.55 -4.96 -27.05
N LEU B 215 18.90 -5.92 -26.32
CA LEU B 215 19.55 -6.78 -25.32
C LEU B 215 20.64 -7.69 -25.87
N SER B 216 21.55 -8.11 -24.94
CA SER B 216 22.67 -9.04 -25.16
C SER B 216 22.23 -10.51 -24.94
N ARG B 217 23.13 -11.52 -25.16
CA ARG B 217 22.81 -12.94 -24.90
C ARG B 217 22.63 -13.16 -23.39
N GLU B 218 23.53 -12.57 -22.59
CA GLU B 218 23.51 -12.63 -21.14
C GLU B 218 22.18 -12.10 -20.63
N GLU B 219 21.71 -10.96 -21.18
CA GLU B 219 20.41 -10.34 -20.83
C GLU B 219 19.22 -11.21 -21.25
N ARG B 220 19.31 -11.82 -22.45
CA ARG B 220 18.24 -12.67 -22.99
C ARG B 220 18.15 -13.95 -22.16
N VAL B 221 19.30 -14.49 -21.72
CA VAL B 221 19.35 -15.67 -20.88
C VAL B 221 18.73 -15.33 -19.54
N GLU B 222 19.05 -14.15 -18.98
CA GLU B 222 18.48 -13.71 -17.68
C GLU B 222 16.92 -13.69 -17.66
N ARG B 223 16.27 -13.59 -18.85
CA ARG B 223 14.82 -13.53 -19.06
C ARG B 223 14.15 -14.91 -19.11
N ILE B 224 14.94 -16.02 -18.95
CA ILE B 224 14.46 -17.40 -18.91
C ILE B 224 13.86 -17.62 -17.52
N PRO B 225 12.68 -18.25 -17.32
CA PRO B 225 11.82 -19.01 -18.27
C PRO B 225 10.83 -18.21 -19.14
N TRP B 226 10.73 -16.89 -18.93
CA TRP B 226 9.73 -16.10 -19.66
C TRP B 226 10.09 -15.84 -21.13
N LEU B 227 11.40 -15.81 -21.46
CA LEU B 227 11.91 -15.58 -22.80
C LEU B 227 11.52 -16.75 -23.70
N ALA B 228 10.93 -16.48 -24.88
CA ALA B 228 10.52 -17.50 -25.84
C ALA B 228 11.81 -18.09 -26.41
N PRO B 229 11.88 -19.46 -26.58
CA PRO B 229 13.14 -20.08 -27.02
C PRO B 229 13.69 -19.57 -28.35
N GLU B 230 12.78 -19.22 -29.29
CA GLU B 230 13.15 -18.71 -30.60
C GLU B 230 13.88 -17.38 -30.53
N CYS B 231 13.76 -16.68 -29.40
CA CYS B 231 14.40 -15.41 -29.12
C CYS B 231 15.77 -15.56 -28.45
N LEU B 232 16.19 -16.80 -28.13
CA LEU B 232 17.50 -17.04 -27.50
C LEU B 232 18.69 -16.85 -28.47
N PRO B 233 18.66 -17.33 -29.75
CA PRO B 233 19.82 -17.07 -30.64
C PRO B 233 19.82 -15.66 -31.20
N SER B 240 8.19 -11.52 -33.27
CA SER B 240 6.83 -11.93 -33.59
C SER B 240 5.90 -11.98 -32.39
N THR B 241 4.58 -11.85 -32.65
CA THR B 241 3.49 -11.89 -31.66
C THR B 241 3.40 -13.26 -30.96
N ALA B 242 4.09 -14.30 -31.51
CA ALA B 242 4.14 -15.67 -30.95
C ALA B 242 4.93 -15.74 -29.64
N MET B 243 5.89 -14.83 -29.45
CA MET B 243 6.72 -14.83 -28.25
C MET B 243 5.96 -14.47 -27.00
N ASP B 244 4.88 -13.65 -27.14
CA ASP B 244 4.07 -13.28 -25.99
C ASP B 244 3.19 -14.44 -25.55
N LYS B 245 2.94 -15.43 -26.45
CA LYS B 245 2.17 -16.62 -26.07
C LYS B 245 2.94 -17.48 -25.11
N TRP B 246 4.30 -17.57 -25.25
CA TRP B 246 5.18 -18.30 -24.34
C TRP B 246 5.22 -17.53 -23.04
N GLY B 247 5.54 -16.23 -23.13
CA GLY B 247 5.60 -15.28 -22.02
C GLY B 247 4.37 -15.38 -21.17
N PHE B 248 3.18 -15.40 -21.79
CA PHE B 248 1.91 -15.58 -21.07
C PHE B 248 1.90 -16.91 -20.31
N GLY B 249 2.25 -18.01 -21.00
CA GLY B 249 2.34 -19.35 -20.46
C GLY B 249 3.29 -19.48 -19.28
N ALA B 250 4.54 -18.95 -19.42
CA ALA B 250 5.57 -18.96 -18.34
C ALA B 250 5.07 -18.20 -17.10
N THR B 251 4.35 -17.06 -17.32
CA THR B 251 3.76 -16.22 -16.28
C THR B 251 2.65 -16.97 -15.60
N LEU B 252 1.83 -17.70 -16.40
CA LEU B 252 0.72 -18.51 -15.86
C LEU B 252 1.25 -19.55 -14.88
N LEU B 253 2.49 -20.07 -15.09
CA LEU B 253 3.15 -20.97 -14.13
C LEU B 253 3.55 -20.17 -12.90
N GLU B 254 4.24 -19.01 -13.11
CA GLU B 254 4.69 -18.12 -12.05
C GLU B 254 3.55 -17.80 -11.08
N ILE B 255 2.36 -17.43 -11.61
CA ILE B 255 1.16 -17.08 -10.82
C ILE B 255 0.69 -18.29 -10.02
N CYS B 256 0.69 -19.49 -10.65
CA CYS B 256 0.30 -20.76 -10.02
C CYS B 256 1.23 -21.13 -8.88
N PHE B 257 2.56 -20.99 -9.09
CA PHE B 257 3.59 -21.34 -8.11
C PHE B 257 3.88 -20.19 -7.13
N ASP B 258 2.85 -19.37 -6.89
CA ASP B 258 2.83 -18.21 -6.00
C ASP B 258 4.07 -17.30 -6.13
N GLY B 259 4.30 -16.79 -7.34
CA GLY B 259 5.39 -15.87 -7.63
C GLY B 259 6.75 -16.47 -7.83
N GLU B 260 6.87 -17.80 -7.69
CA GLU B 260 8.13 -18.53 -7.87
C GLU B 260 8.11 -19.27 -9.21
N ALA B 261 8.82 -18.73 -10.20
CA ALA B 261 8.84 -19.30 -11.54
C ALA B 261 9.85 -20.45 -11.65
N PRO B 262 9.69 -21.41 -12.60
CA PRO B 262 10.69 -22.47 -12.71
C PRO B 262 11.98 -21.94 -13.37
N LEU B 263 13.14 -22.38 -12.86
CA LEU B 263 14.49 -22.04 -13.32
C LEU B 263 14.98 -20.68 -12.80
N GLN B 264 14.16 -19.96 -12.00
CA GLN B 264 14.53 -18.64 -11.44
C GLN B 264 15.91 -18.65 -10.77
N SER B 265 16.07 -19.45 -9.68
CA SER B 265 17.30 -19.55 -8.91
C SER B 265 18.48 -20.28 -9.63
N ARG B 266 18.29 -20.75 -10.89
CA ARG B 266 19.32 -21.45 -11.67
C ARG B 266 20.36 -20.52 -12.32
N SER B 267 21.57 -21.07 -12.55
CA SER B 267 22.74 -20.41 -13.16
C SER B 267 22.48 -20.12 -14.65
N PRO B 268 23.10 -19.08 -15.25
CA PRO B 268 22.81 -18.79 -16.68
C PRO B 268 22.99 -20.00 -17.61
N SER B 269 24.09 -20.77 -17.41
CA SER B 269 24.38 -21.97 -18.19
C SER B 269 23.33 -23.06 -18.01
N GLU B 270 22.80 -23.27 -16.78
CA GLU B 270 21.71 -24.24 -16.52
C GLU B 270 20.45 -23.82 -17.32
N LYS B 271 20.06 -22.51 -17.24
CA LYS B 271 18.92 -21.92 -17.95
C LYS B 271 19.07 -22.08 -19.46
N GLU B 272 20.19 -21.59 -20.02
CA GLU B 272 20.52 -21.71 -21.44
C GLU B 272 20.54 -23.19 -21.90
N HIS B 273 21.13 -24.10 -21.05
CA HIS B 273 21.24 -25.55 -21.30
C HIS B 273 19.85 -26.20 -21.42
N PHE B 274 18.90 -25.78 -20.54
CA PHE B 274 17.50 -26.24 -20.52
C PHE B 274 16.84 -25.91 -21.87
N TYR B 275 17.11 -24.71 -22.41
CA TYR B 275 16.54 -24.25 -23.67
C TYR B 275 17.18 -24.97 -24.85
N GLN B 276 18.54 -25.09 -24.84
CA GLN B 276 19.28 -25.78 -25.90
C GLN B 276 18.82 -27.24 -26.02
N ARG B 277 18.67 -27.95 -24.88
CA ARG B 277 18.23 -29.35 -24.83
C ARG B 277 16.72 -29.54 -25.11
N GLN B 278 16.02 -28.45 -25.48
CA GLN B 278 14.58 -28.36 -25.80
C GLN B 278 13.64 -28.95 -24.68
N HIS B 279 14.14 -28.94 -23.40
CA HIS B 279 13.47 -29.41 -22.18
C HIS B 279 12.26 -28.55 -21.93
N ARG B 280 11.12 -29.17 -21.54
CA ARG B 280 9.86 -28.46 -21.28
C ARG B 280 9.64 -28.10 -19.79
N LEU B 281 9.04 -26.92 -19.54
CA LEU B 281 8.81 -26.42 -18.17
C LEU B 281 7.77 -27.26 -17.39
N PRO B 282 7.74 -27.23 -16.02
CA PRO B 282 6.74 -28.03 -15.27
C PRO B 282 5.28 -27.79 -15.62
N GLU B 283 4.43 -28.75 -15.27
CA GLU B 283 2.99 -28.62 -15.49
C GLU B 283 2.49 -27.79 -14.31
N PRO B 284 1.47 -26.93 -14.49
CA PRO B 284 1.03 -26.13 -13.34
C PRO B 284 0.26 -26.96 -12.32
N SER B 285 0.43 -26.66 -11.01
CA SER B 285 -0.31 -27.35 -9.95
C SER B 285 -1.83 -27.01 -10.04
N CYS B 286 -2.19 -25.94 -10.82
CA CYS B 286 -3.55 -25.50 -11.15
C CYS B 286 -4.01 -26.35 -12.33
N PRO B 287 -4.89 -27.35 -12.13
CA PRO B 287 -5.27 -28.22 -13.25
C PRO B 287 -6.12 -27.52 -14.32
N GLN B 288 -6.84 -26.44 -13.93
CA GLN B 288 -7.65 -25.65 -14.85
C GLN B 288 -6.82 -24.90 -15.93
N LEU B 289 -5.46 -24.90 -15.78
CA LEU B 289 -4.54 -24.23 -16.70
C LEU B 289 -3.57 -25.16 -17.44
N ALA B 290 -3.46 -26.42 -17.00
CA ALA B 290 -2.56 -27.45 -17.52
C ALA B 290 -2.41 -27.53 -19.05
N THR B 291 -3.54 -27.51 -19.80
CA THR B 291 -3.58 -27.62 -21.26
C THR B 291 -3.25 -26.30 -21.89
N LEU B 292 -3.86 -25.22 -21.37
CA LEU B 292 -3.58 -23.88 -21.88
C LEU B 292 -2.07 -23.58 -21.87
N THR B 293 -1.39 -23.76 -20.73
CA THR B 293 0.06 -23.54 -20.62
C THR B 293 0.89 -24.54 -21.46
N SER B 294 0.40 -25.80 -21.61
CA SER B 294 1.07 -26.84 -22.42
C SER B 294 1.08 -26.42 -23.89
N GLN B 295 -0.07 -25.89 -24.38
CA GLN B 295 -0.23 -25.37 -25.74
C GLN B 295 0.69 -24.17 -25.93
N CYS B 296 0.77 -23.28 -24.92
CA CYS B 296 1.54 -22.03 -24.90
C CYS B 296 3.05 -22.21 -24.87
N LEU B 297 3.53 -23.07 -23.93
CA LEU B 297 4.94 -23.29 -23.67
C LEU B 297 5.56 -24.34 -24.58
N THR B 298 5.24 -24.20 -25.90
CA THR B 298 5.78 -25.07 -26.92
C THR B 298 6.87 -24.35 -27.69
N TYR B 299 7.90 -25.11 -28.07
CA TYR B 299 9.06 -24.65 -28.81
C TYR B 299 8.78 -24.30 -30.29
N GLU B 300 7.58 -24.63 -30.85
CA GLU B 300 7.16 -24.24 -32.20
C GLU B 300 6.17 -23.04 -32.15
N PRO B 301 6.67 -21.84 -32.46
CA PRO B 301 5.81 -20.63 -32.38
C PRO B 301 4.44 -20.69 -33.04
N THR B 302 4.34 -21.41 -34.16
CA THR B 302 3.11 -21.58 -34.94
C THR B 302 2.14 -22.58 -34.29
N GLN B 303 2.63 -23.39 -33.32
CA GLN B 303 1.82 -24.37 -32.60
C GLN B 303 1.11 -23.74 -31.38
N ARG B 304 1.48 -22.48 -31.03
CA ARG B 304 0.92 -21.71 -29.91
C ARG B 304 -0.43 -21.09 -30.31
N PRO B 305 -1.47 -21.23 -29.43
CA PRO B 305 -2.80 -20.65 -29.75
C PRO B 305 -2.83 -19.13 -29.86
N SER B 306 -3.90 -18.54 -30.40
CA SER B 306 -3.97 -17.08 -30.44
C SER B 306 -4.58 -16.61 -29.11
N PHE B 307 -4.42 -15.30 -28.77
CA PHE B 307 -4.97 -14.77 -27.52
C PHE B 307 -6.50 -14.71 -27.58
N ARG B 308 -7.06 -14.72 -28.80
CA ARG B 308 -8.49 -14.79 -29.09
C ARG B 308 -8.99 -16.15 -28.59
N THR B 309 -8.18 -17.22 -28.82
CA THR B 309 -8.49 -18.57 -28.37
C THR B 309 -8.36 -18.71 -26.86
N ILE B 310 -7.21 -18.28 -26.29
CA ILE B 310 -6.90 -18.33 -24.85
C ILE B 310 -8.03 -17.65 -24.06
N LEU B 311 -8.48 -16.46 -24.50
CA LEU B 311 -9.58 -15.71 -23.88
C LEU B 311 -10.88 -16.52 -23.89
N ARG B 312 -11.28 -17.05 -25.06
CA ARG B 312 -12.46 -17.88 -25.29
C ARG B 312 -12.41 -19.08 -24.32
N ASP B 313 -11.30 -19.83 -24.36
CA ASP B 313 -11.08 -20.98 -23.49
C ASP B 313 -11.20 -20.61 -22.02
N LEU B 314 -10.52 -19.52 -21.57
CA LEU B 314 -10.54 -19.04 -20.16
C LEU B 314 -11.94 -18.79 -19.57
N THR B 315 -12.88 -18.24 -20.36
CA THR B 315 -14.26 -17.99 -19.91
C THR B 315 -14.99 -19.29 -19.48
N ARG B 316 -14.78 -20.40 -20.24
CA ARG B 316 -15.41 -21.69 -19.97
C ARG B 316 -14.54 -22.60 -19.10
#